data_3AZ2
#
_entry.id   3AZ2
#
_cell.length_a   44.530
_cell.length_b   51.840
_cell.length_c   132.400
_cell.angle_alpha   90.000
_cell.angle_beta   90.000
_cell.angle_gamma   90.000
#
_symmetry.space_group_name_H-M   'P 21 21 21'
#
loop_
_entity.id
_entity.type
_entity.pdbx_description
1 polymer 'Vitamin D3 receptor'
2 non-polymer '5-{4-[3-(4-{[(2R)-2-hydroxy-3,3-dimethylbutyl]oxy}-3-methylphenyl)pentan-3-yl]-2-methylphenoxy}pentanoic acid'
3 water water
#
_entity_poly.entity_id   1
_entity_poly.type   'polypeptide(L)'
_entity_poly.pdbx_seq_one_letter_code
;LRPKLSEEQQRIIAILLDAHHKTYDPTYSDFCQFRPPVRVNDGGGSVTLELSQLSMLPHLADLVSYSIQKVIGFAKMIPG
FRDLTSEDQIVLLKSSAIEVIMLRSNESFTMDDMSWTCGNQDYKYRVSDVTKAGHSLELIEPLIKFQVGLKKLNLHEEEH
VLLMAICIVSPDRPGVQDAALIEAIQDRLSNTLQTYIRCRHPPPGSHLLYAKMIQKLADLRSLNEEHSKQYRCLSFQPEC
SMKLTPLVLEVFG
;
_entity_poly.pdbx_strand_id   A
#
# COMPACT_ATOMS: atom_id res chain seq x y z
N LEU A 1 -29.08 13.56 6.05
CA LEU A 1 -28.78 14.68 5.15
C LEU A 1 -27.64 14.34 4.21
N ARG A 2 -27.69 14.90 2.99
CA ARG A 2 -26.63 14.69 2.02
C ARG A 2 -26.06 16.04 1.54
N PRO A 3 -25.24 16.72 2.36
CA PRO A 3 -24.64 17.97 1.89
C PRO A 3 -23.81 17.75 0.65
N LYS A 4 -23.75 18.78 -0.18
CA LYS A 4 -22.96 18.73 -1.40
C LYS A 4 -21.51 18.94 -1.05
N LEU A 5 -20.59 18.46 -1.91
CA LEU A 5 -19.17 18.67 -1.71
C LEU A 5 -18.92 20.16 -1.86
N SER A 6 -18.12 20.73 -0.98
CA SER A 6 -17.76 22.13 -1.03
C SER A 6 -16.75 22.32 -2.18
N GLU A 7 -16.49 23.59 -2.55
CA GLU A 7 -15.53 23.89 -3.61
C GLU A 7 -14.15 23.35 -3.20
N GLU A 8 -13.79 23.56 -1.92
CA GLU A 8 -12.53 23.07 -1.35
C GLU A 8 -12.49 21.52 -1.43
N GLN A 9 -13.59 20.83 -1.11
CA GLN A 9 -13.64 19.35 -1.18
C GLN A 9 -13.47 18.87 -2.62
N GLN A 10 -14.09 19.58 -3.61
CA GLN A 10 -13.93 19.29 -5.03
C GLN A 10 -12.47 19.48 -5.46
N ARG A 11 -11.83 20.56 -4.99
CA ARG A 11 -10.42 20.88 -5.25
C ARG A 11 -9.56 19.75 -4.67
N ILE A 12 -9.79 19.35 -3.41
CA ILE A 12 -9.04 18.23 -2.77
C ILE A 12 -9.13 16.96 -3.64
N ILE A 13 -10.34 16.60 -4.13
CA ILE A 13 -10.54 15.41 -4.96
C ILE A 13 -9.78 15.52 -6.28
N ALA A 14 -9.85 16.69 -6.92
CA ALA A 14 -9.13 16.92 -8.19
C ALA A 14 -7.62 16.80 -8.00
N ILE A 15 -7.10 17.37 -6.92
CA ILE A 15 -5.68 17.32 -6.55
C ILE A 15 -5.22 15.88 -6.34
N LEU A 16 -5.98 15.11 -5.53
CA LEU A 16 -5.63 13.72 -5.27
C LEU A 16 -5.65 12.84 -6.49
N LEU A 17 -6.66 13.02 -7.37
CA LEU A 17 -6.78 12.25 -8.60
C LEU A 17 -5.59 12.54 -9.51
N ASP A 18 -5.22 13.82 -9.64
CA ASP A 18 -4.08 14.24 -10.46
C ASP A 18 -2.81 13.66 -9.90
N ALA A 19 -2.63 13.71 -8.56
CA ALA A 19 -1.46 13.15 -7.89
C ALA A 19 -1.36 11.64 -8.18
N HIS A 20 -2.48 10.90 -8.14
CA HIS A 20 -2.47 9.48 -8.40
C HIS A 20 -2.12 9.22 -9.86
N HIS A 21 -2.70 10.02 -10.79
CA HIS A 21 -2.43 9.81 -12.22
C HIS A 21 -0.96 10.03 -12.58
N LYS A 22 -0.27 10.87 -11.82
CA LYS A 22 1.13 11.18 -12.04
C LYS A 22 2.05 10.16 -11.36
N THR A 23 1.51 9.41 -10.39
CA THR A 23 2.38 8.52 -9.61
C THR A 23 2.03 7.06 -9.70
N TYR A 24 1.03 6.71 -10.50
CA TYR A 24 0.63 5.31 -10.66
C TYR A 24 0.54 4.97 -12.14
N ASP A 25 1.40 4.07 -12.61
CA ASP A 25 1.41 3.65 -14.02
C ASP A 25 0.63 2.33 -14.14
N PRO A 26 -0.59 2.40 -14.70
CA PRO A 26 -1.43 1.20 -14.81
C PRO A 26 -0.99 0.24 -15.89
N THR A 27 0.13 0.55 -16.61
CA THR A 27 0.68 -0.33 -17.63
C THR A 27 1.89 -1.09 -17.08
N TYR A 28 2.36 -0.75 -15.85
CA TYR A 28 3.49 -1.45 -15.19
C TYR A 28 4.74 -1.45 -16.10
N SER A 29 4.92 -0.35 -16.88
CA SER A 29 5.98 -0.24 -17.89
C SER A 29 7.43 -0.18 -17.37
N ASP A 30 7.62 0.12 -16.07
CA ASP A 30 8.99 0.17 -15.51
C ASP A 30 9.42 -1.17 -14.94
N PHE A 31 8.52 -2.14 -14.88
CA PHE A 31 8.81 -3.45 -14.24
C PHE A 31 9.98 -4.22 -14.85
N CYS A 32 10.22 -4.07 -16.17
CA CYS A 32 11.33 -4.67 -16.87
C CYS A 32 12.69 -4.11 -16.37
N GLN A 33 12.69 -2.96 -15.65
CA GLN A 33 13.91 -2.33 -15.13
C GLN A 33 14.33 -2.92 -13.78
N PHE A 34 13.44 -3.68 -13.12
CA PHE A 34 13.75 -4.31 -11.83
C PHE A 34 14.61 -5.54 -12.03
N ARG A 35 15.30 -5.97 -10.94
CA ARG A 35 16.04 -7.21 -11.01
C ARG A 35 15.07 -8.33 -11.36
N PRO A 36 15.45 -9.26 -12.26
CA PRO A 36 14.45 -10.21 -12.76
C PRO A 36 13.82 -11.12 -11.73
N PRO A 37 12.54 -11.47 -11.93
CA PRO A 37 11.93 -12.48 -11.05
C PRO A 37 12.61 -13.82 -11.33
N VAL A 38 12.75 -14.63 -10.31
CA VAL A 38 13.30 -15.99 -10.42
C VAL A 38 12.35 -16.88 -9.65
N ARG A 39 11.82 -17.92 -10.32
CA ARG A 39 10.90 -18.85 -9.68
C ARG A 39 11.49 -20.27 -9.77
N VAL A 40 11.91 -20.82 -8.62
CA VAL A 40 12.51 -22.16 -8.51
C VAL A 40 11.47 -23.18 -8.03
N ASN A 41 11.82 -24.48 -8.12
CA ASN A 41 10.96 -25.57 -7.67
C ASN A 41 10.75 -25.48 -6.17
N ASP A 42 9.48 -25.27 -5.75
CA ASP A 42 9.09 -25.18 -4.34
C ASP A 42 7.60 -25.44 -4.15
N GLY A 43 7.11 -26.53 -4.74
CA GLY A 43 5.72 -26.95 -4.64
C GLY A 43 5.27 -27.19 -3.22
N GLY A 44 6.23 -27.56 -2.36
CA GLY A 44 5.99 -27.83 -0.96
C GLY A 44 5.99 -26.61 -0.07
N GLY A 45 6.47 -25.49 -0.62
CA GLY A 45 6.59 -24.24 0.13
C GLY A 45 7.48 -24.41 1.34
N SER A 46 8.66 -25.03 1.14
CA SER A 46 9.63 -25.32 2.20
C SER A 46 10.23 -24.02 2.74
N VAL A 47 10.04 -23.73 4.05
CA VAL A 47 10.59 -22.52 4.67
C VAL A 47 12.12 -22.52 4.53
N THR A 48 12.78 -23.69 4.82
CA THR A 48 14.23 -23.83 4.72
C THR A 48 14.71 -23.49 3.33
N LEU A 49 14.05 -24.03 2.30
CA LEU A 49 14.43 -23.77 0.90
C LEU A 49 14.20 -22.33 0.52
N GLU A 50 13.05 -21.76 0.90
CA GLU A 50 12.76 -20.34 0.58
C GLU A 50 13.81 -19.41 1.18
N LEU A 51 14.18 -19.62 2.45
CA LEU A 51 15.20 -18.81 3.11
C LEU A 51 16.54 -19.00 2.49
N SER A 52 16.84 -20.21 2.00
CA SER A 52 18.12 -20.53 1.36
C SER A 52 18.31 -19.80 0.03
N GLN A 53 17.22 -19.62 -0.72
CA GLN A 53 17.29 -19.02 -2.06
C GLN A 53 16.78 -17.58 -2.14
N LEU A 54 15.61 -17.28 -1.51
CA LEU A 54 14.95 -15.95 -1.57
C LEU A 54 14.92 -15.50 -3.03
N SER A 55 14.51 -16.43 -3.92
CA SER A 55 14.59 -16.27 -5.38
C SER A 55 13.84 -15.06 -5.91
N MET A 56 12.67 -14.77 -5.31
CA MET A 56 11.82 -13.65 -5.75
C MET A 56 12.12 -12.36 -4.98
N LEU A 57 12.98 -12.42 -3.95
CA LEU A 57 13.26 -11.24 -3.15
C LEU A 57 13.84 -10.07 -3.91
N PRO A 58 14.90 -10.22 -4.75
CA PRO A 58 15.43 -9.04 -5.46
C PRO A 58 14.38 -8.29 -6.30
N HIS A 59 13.53 -9.03 -7.02
CA HIS A 59 12.46 -8.47 -7.87
C HIS A 59 11.39 -7.79 -7.01
N LEU A 60 10.90 -8.48 -5.98
CA LEU A 60 9.87 -7.90 -5.10
C LEU A 60 10.38 -6.72 -4.25
N ALA A 61 11.67 -6.74 -3.86
CA ALA A 61 12.25 -5.62 -3.12
C ALA A 61 12.33 -4.41 -4.06
N ASP A 62 12.70 -4.63 -5.35
CA ASP A 62 12.76 -3.54 -6.35
C ASP A 62 11.36 -3.00 -6.59
N LEU A 63 10.37 -3.90 -6.63
CA LEU A 63 8.96 -3.49 -6.82
C LEU A 63 8.48 -2.62 -5.66
N VAL A 64 8.69 -3.07 -4.41
CA VAL A 64 8.28 -2.32 -3.22
C VAL A 64 9.04 -1.00 -3.12
N SER A 65 10.35 -1.04 -3.38
CA SER A 65 11.14 0.19 -3.34
C SER A 65 10.58 1.25 -4.35
N TYR A 66 10.31 0.81 -5.62
CA TYR A 66 9.72 1.66 -6.66
C TYR A 66 8.38 2.20 -6.15
N SER A 67 7.54 1.31 -5.59
CA SER A 67 6.22 1.69 -5.06
C SER A 67 6.33 2.72 -3.93
N ILE A 68 7.29 2.55 -3.00
CA ILE A 68 7.53 3.53 -1.94
C ILE A 68 7.90 4.90 -2.56
N GLN A 69 8.73 4.92 -3.62
CA GLN A 69 9.08 6.20 -4.27
C GLN A 69 7.84 6.91 -4.79
N LYS A 70 6.92 6.15 -5.39
CA LYS A 70 5.65 6.66 -5.92
C LYS A 70 4.79 7.21 -4.78
N VAL A 71 4.74 6.48 -3.63
CA VAL A 71 4.01 6.89 -2.43
C VAL A 71 4.59 8.20 -1.89
N ILE A 72 5.93 8.31 -1.83
CA ILE A 72 6.54 9.59 -1.38
C ILE A 72 6.04 10.75 -2.25
N GLY A 73 6.02 10.56 -3.57
CA GLY A 73 5.56 11.58 -4.53
C GLY A 73 4.10 11.94 -4.40
N PHE A 74 3.27 10.93 -4.19
CA PHE A 74 1.83 11.10 -3.97
C PHE A 74 1.60 11.90 -2.68
N ALA A 75 2.27 11.50 -1.58
CA ALA A 75 2.08 12.13 -0.27
C ALA A 75 2.39 13.62 -0.32
N LYS A 76 3.43 13.99 -1.05
CA LYS A 76 3.82 15.40 -1.19
C LYS A 76 2.71 16.27 -1.81
N MET A 77 1.80 15.65 -2.58
CA MET A 77 0.70 16.33 -3.24
C MET A 77 -0.60 16.32 -2.41
N ILE A 78 -0.60 15.65 -1.25
CA ILE A 78 -1.78 15.61 -0.39
C ILE A 78 -1.98 17.01 0.22
N PRO A 79 -3.16 17.64 0.06
CA PRO A 79 -3.38 18.98 0.65
C PRO A 79 -3.20 18.95 2.15
N GLY A 80 -2.25 19.75 2.60
CA GLY A 80 -1.87 19.87 4.01
C GLY A 80 -0.61 19.14 4.37
N PHE A 81 -0.25 18.05 3.62
CA PHE A 81 0.94 17.26 3.94
C PHE A 81 2.22 18.09 4.06
N ARG A 82 2.37 19.08 3.16
CA ARG A 82 3.52 19.98 3.17
C ARG A 82 3.50 20.92 4.41
N ASP A 83 2.32 21.11 5.06
CA ASP A 83 2.18 21.96 6.27
C ASP A 83 2.77 21.32 7.51
N LEU A 84 3.02 19.99 7.47
CA LEU A 84 3.64 19.25 8.56
C LEU A 84 5.12 19.45 8.53
N THR A 85 5.79 19.26 9.68
CA THR A 85 7.25 19.33 9.75
C THR A 85 7.80 18.18 8.90
N SER A 86 9.06 18.31 8.46
CA SER A 86 9.74 17.29 7.68
C SER A 86 9.90 15.99 8.48
N GLU A 87 10.07 16.11 9.82
CA GLU A 87 10.19 14.98 10.74
C GLU A 87 8.86 14.18 10.80
N ASP A 88 7.70 14.86 10.89
CA ASP A 88 6.38 14.20 10.89
C ASP A 88 6.05 13.56 9.52
N GLN A 89 6.41 14.24 8.42
CA GLN A 89 6.23 13.73 7.05
C GLN A 89 6.93 12.36 6.90
N ILE A 90 8.17 12.26 7.40
CA ILE A 90 8.96 11.04 7.34
C ILE A 90 8.40 9.93 8.22
N VAL A 91 8.03 10.26 9.47
CA VAL A 91 7.46 9.27 10.38
C VAL A 91 6.22 8.63 9.73
N LEU A 92 5.34 9.49 9.15
CA LEU A 92 4.09 9.10 8.49
C LEU A 92 4.35 8.23 7.28
N LEU A 93 5.34 8.62 6.46
CA LEU A 93 5.70 7.82 5.28
C LEU A 93 6.25 6.45 5.64
N LYS A 94 7.19 6.40 6.57
CA LYS A 94 7.77 5.13 6.97
C LYS A 94 6.76 4.22 7.65
N SER A 95 5.91 4.77 8.51
CA SER A 95 4.96 3.93 9.24
C SER A 95 3.81 3.42 8.36
N SER A 96 3.45 4.15 7.28
CA SER A 96 2.32 3.74 6.45
C SER A 96 2.77 3.00 5.17
N ALA A 97 4.08 3.07 4.83
CA ALA A 97 4.59 2.50 3.59
C ALA A 97 3.96 1.17 3.15
N ILE A 98 4.07 0.11 3.98
CA ILE A 98 3.55 -1.21 3.59
C ILE A 98 2.05 -1.22 3.41
N GLU A 99 1.32 -0.44 4.22
CA GLU A 99 -0.15 -0.39 4.09
C GLU A 99 -0.55 0.28 2.79
N VAL A 100 0.11 1.40 2.46
CA VAL A 100 -0.19 2.10 1.21
C VAL A 100 0.19 1.23 0.00
N ILE A 101 1.31 0.48 0.09
CA ILE A 101 1.73 -0.44 -0.98
C ILE A 101 0.62 -1.49 -1.19
N MET A 102 0.08 -2.04 -0.08
CA MET A 102 -1.00 -3.01 -0.11
C MET A 102 -2.25 -2.42 -0.79
N LEU A 103 -2.60 -1.16 -0.46
CA LEU A 103 -3.74 -0.49 -1.09
C LEU A 103 -3.45 -0.27 -2.57
N ARG A 104 -2.25 0.22 -2.91
CA ARG A 104 -2.03 0.43 -4.34
C ARG A 104 -1.91 -0.82 -5.17
N SER A 105 -1.56 -1.95 -4.55
CA SER A 105 -1.45 -3.23 -5.27
C SER A 105 -2.83 -3.74 -5.71
N ASN A 106 -3.88 -3.23 -5.06
CA ASN A 106 -5.24 -3.69 -5.36
C ASN A 106 -5.71 -3.43 -6.80
N GLU A 107 -5.19 -2.35 -7.44
CA GLU A 107 -5.57 -2.02 -8.82
C GLU A 107 -5.17 -3.18 -9.77
N SER A 108 -3.98 -3.82 -9.58
CA SER A 108 -3.55 -4.93 -10.44
C SER A 108 -4.06 -6.30 -9.98
N PHE A 109 -4.59 -6.35 -8.76
CA PHE A 109 -5.11 -7.58 -8.21
C PHE A 109 -6.35 -7.98 -9.01
N THR A 110 -6.48 -9.27 -9.28
CA THR A 110 -7.67 -9.72 -10.00
C THR A 110 -8.30 -10.92 -9.34
N MET A 111 -9.61 -10.88 -9.22
CA MET A 111 -10.30 -12.01 -8.64
C MET A 111 -10.48 -13.14 -9.65
N ASP A 112 -10.10 -12.92 -10.93
CA ASP A 112 -10.17 -13.99 -11.94
C ASP A 112 -9.39 -15.22 -11.47
N ASP A 113 -8.21 -15.00 -10.85
CA ASP A 113 -7.35 -16.08 -10.34
C ASP A 113 -6.60 -15.76 -9.07
N MET A 114 -7.01 -14.70 -8.37
CA MET A 114 -6.40 -14.28 -7.10
C MET A 114 -4.91 -13.99 -7.25
N SER A 115 -4.54 -13.27 -8.30
CA SER A 115 -3.18 -12.86 -8.57
C SER A 115 -3.10 -11.36 -8.78
N TRP A 116 -1.88 -10.82 -8.73
CA TRP A 116 -1.60 -9.44 -9.07
C TRP A 116 -1.05 -9.53 -10.50
N THR A 117 -1.87 -9.20 -11.50
CA THR A 117 -1.48 -9.31 -12.90
C THR A 117 -0.93 -8.00 -13.40
N CYS A 118 0.41 -7.92 -13.57
CA CYS A 118 1.11 -6.72 -14.01
C CYS A 118 1.74 -6.79 -15.41
N GLY A 119 1.05 -7.48 -16.32
CA GLY A 119 1.49 -7.63 -17.69
C GLY A 119 1.61 -9.09 -18.04
N ASN A 120 2.73 -9.46 -18.66
CA ASN A 120 3.02 -10.84 -19.05
C ASN A 120 3.05 -11.78 -17.84
N GLN A 121 3.28 -13.07 -18.09
CA GLN A 121 3.41 -14.12 -17.10
C GLN A 121 4.60 -13.87 -16.16
N ASP A 122 5.63 -13.13 -16.62
CA ASP A 122 6.80 -12.84 -15.76
C ASP A 122 6.39 -11.94 -14.60
N TYR A 123 5.51 -10.98 -14.90
CA TYR A 123 4.98 -10.02 -13.93
C TYR A 123 3.58 -10.34 -13.43
N LYS A 124 3.28 -11.64 -13.33
CA LYS A 124 2.03 -12.11 -12.75
C LYS A 124 2.44 -12.70 -11.40
N TYR A 125 2.00 -12.07 -10.30
CA TYR A 125 2.40 -12.49 -8.96
C TYR A 125 1.34 -13.25 -8.23
N ARG A 126 1.72 -14.33 -7.56
CA ARG A 126 0.81 -15.12 -6.76
C ARG A 126 1.37 -15.28 -5.34
N VAL A 127 0.56 -15.88 -4.45
CA VAL A 127 0.89 -16.25 -3.06
C VAL A 127 2.29 -16.92 -3.07
N SER A 128 2.49 -17.86 -4.01
CA SER A 128 3.73 -18.62 -4.19
C SER A 128 4.95 -17.70 -4.39
N ASP A 129 4.77 -16.55 -5.07
CA ASP A 129 5.89 -15.61 -5.26
C ASP A 129 6.27 -14.89 -3.98
N VAL A 130 5.29 -14.62 -3.10
CA VAL A 130 5.50 -13.93 -1.84
C VAL A 130 6.21 -14.90 -0.88
N THR A 131 5.85 -16.19 -0.92
CA THR A 131 6.51 -17.21 -0.09
C THR A 131 7.96 -17.37 -0.60
N LYS A 132 8.20 -17.24 -1.93
CA LYS A 132 9.55 -17.32 -2.52
C LYS A 132 10.41 -16.10 -2.15
N ALA A 133 9.79 -15.03 -1.59
CA ALA A 133 10.51 -13.86 -1.09
C ALA A 133 10.79 -14.03 0.43
N GLY A 134 10.40 -15.19 1.01
CA GLY A 134 10.64 -15.53 2.41
C GLY A 134 9.54 -15.20 3.41
N HIS A 135 8.32 -14.93 2.92
CA HIS A 135 7.22 -14.64 3.82
C HIS A 135 6.44 -15.91 4.14
N SER A 136 5.69 -15.91 5.24
CA SER A 136 4.93 -17.08 5.60
C SER A 136 3.43 -16.85 5.52
N LEU A 137 2.67 -17.96 5.63
CA LEU A 137 1.20 -17.96 5.53
C LEU A 137 0.49 -17.05 6.51
N GLU A 138 1.09 -16.80 7.70
CA GLU A 138 0.50 -15.84 8.67
C GLU A 138 0.33 -14.43 8.07
N LEU A 139 1.14 -14.08 7.05
CA LEU A 139 1.00 -12.79 6.36
C LEU A 139 0.17 -12.97 5.09
N ILE A 140 0.47 -13.99 4.30
CA ILE A 140 -0.19 -14.22 3.00
C ILE A 140 -1.69 -14.46 3.05
N GLU A 141 -2.15 -15.31 3.97
CA GLU A 141 -3.58 -15.64 4.14
C GLU A 141 -4.41 -14.37 4.43
N PRO A 142 -4.08 -13.53 5.45
CA PRO A 142 -4.88 -12.32 5.63
C PRO A 142 -4.68 -11.31 4.50
N LEU A 143 -3.52 -11.35 3.82
CA LEU A 143 -3.21 -10.39 2.74
C LEU A 143 -4.15 -10.66 1.57
N ILE A 144 -4.31 -11.94 1.18
CA ILE A 144 -5.24 -12.27 0.09
C ILE A 144 -6.68 -11.94 0.47
N LYS A 145 -7.07 -12.25 1.73
CA LYS A 145 -8.40 -11.97 2.29
C LYS A 145 -8.65 -10.46 2.15
N PHE A 146 -7.63 -9.64 2.49
CA PHE A 146 -7.74 -8.19 2.41
C PHE A 146 -7.94 -7.71 0.96
N GLN A 147 -7.16 -8.24 0.03
CA GLN A 147 -7.22 -7.86 -1.39
C GLN A 147 -8.59 -8.14 -1.96
N VAL A 148 -9.15 -9.30 -1.62
CA VAL A 148 -10.51 -9.65 -2.12
C VAL A 148 -11.58 -8.74 -1.49
N GLY A 149 -11.55 -8.55 -0.17
CA GLY A 149 -12.52 -7.69 0.51
C GLY A 149 -12.47 -6.27 -0.03
N LEU A 150 -11.25 -5.77 -0.28
CA LEU A 150 -11.07 -4.43 -0.82
C LEU A 150 -11.56 -4.36 -2.26
N LYS A 151 -11.27 -5.39 -3.06
CA LYS A 151 -11.66 -5.40 -4.47
C LYS A 151 -13.17 -5.36 -4.60
N LYS A 152 -13.85 -6.13 -3.72
CA LYS A 152 -15.31 -6.26 -3.71
C LYS A 152 -16.04 -4.97 -3.30
N LEU A 153 -15.32 -3.99 -2.73
CA LEU A 153 -15.90 -2.68 -2.40
C LEU A 153 -16.18 -1.87 -3.66
N ASN A 154 -15.53 -2.24 -4.80
CA ASN A 154 -15.66 -1.58 -6.11
C ASN A 154 -15.51 -0.08 -5.96
N LEU A 155 -14.43 0.32 -5.29
CA LEU A 155 -14.17 1.73 -5.03
C LEU A 155 -14.06 2.58 -6.27
N HIS A 156 -14.61 3.79 -6.22
CA HIS A 156 -14.40 4.75 -7.29
C HIS A 156 -12.95 5.19 -7.09
N GLU A 157 -12.31 5.65 -8.17
CA GLU A 157 -10.96 6.17 -8.08
C GLU A 157 -10.87 7.26 -7.01
N GLU A 158 -11.90 8.13 -6.91
CA GLU A 158 -11.98 9.19 -5.91
C GLU A 158 -11.88 8.63 -4.48
N GLU A 159 -12.55 7.52 -4.23
CA GLU A 159 -12.56 6.86 -2.91
C GLU A 159 -11.21 6.20 -2.62
N HIS A 160 -10.63 5.54 -3.64
CA HIS A 160 -9.34 4.87 -3.56
C HIS A 160 -8.22 5.89 -3.21
N VAL A 161 -8.21 7.06 -3.86
CA VAL A 161 -7.20 8.10 -3.60
C VAL A 161 -7.36 8.74 -2.21
N LEU A 162 -8.62 8.96 -1.79
CA LEU A 162 -8.88 9.48 -0.46
C LEU A 162 -8.45 8.48 0.60
N LEU A 163 -8.77 7.18 0.39
CA LEU A 163 -8.35 6.11 1.31
C LEU A 163 -6.84 6.08 1.50
N MET A 164 -6.06 6.16 0.40
CA MET A 164 -4.58 6.19 0.55
C MET A 164 -4.11 7.41 1.32
N ALA A 165 -4.74 8.57 1.05
CA ALA A 165 -4.35 9.82 1.70
C ALA A 165 -4.66 9.76 3.21
N ILE A 166 -5.83 9.23 3.58
CA ILE A 166 -6.23 9.07 4.98
C ILE A 166 -5.27 8.08 5.68
N CYS A 167 -4.87 7.02 4.97
CA CYS A 167 -3.95 6.03 5.53
C CYS A 167 -2.63 6.69 5.91
N ILE A 168 -2.09 7.51 5.00
CA ILE A 168 -0.79 8.15 5.19
C ILE A 168 -0.89 9.19 6.32
N VAL A 169 -1.91 10.05 6.26
CA VAL A 169 -2.03 11.13 7.25
C VAL A 169 -2.81 10.63 8.48
N SER A 170 -2.20 9.76 9.26
CA SER A 170 -2.84 9.17 10.44
C SER A 170 -2.19 9.72 11.71
N PRO A 171 -2.95 10.35 12.62
CA PRO A 171 -2.33 10.93 13.82
C PRO A 171 -1.85 9.88 14.82
N ASP A 172 -2.41 8.66 14.76
CA ASP A 172 -2.06 7.58 15.68
C ASP A 172 -0.90 6.67 15.23
N ARG A 173 0.18 7.28 14.75
CA ARG A 173 1.38 6.56 14.38
C ARG A 173 2.43 6.84 15.46
N PRO A 174 3.23 5.84 15.86
CA PRO A 174 4.25 6.09 16.90
C PRO A 174 5.33 7.07 16.43
N GLY A 175 5.74 7.97 17.31
CA GLY A 175 6.79 8.95 17.03
C GLY A 175 6.37 10.28 16.45
N VAL A 176 5.08 10.46 16.08
CA VAL A 176 4.61 11.75 15.54
C VAL A 176 4.71 12.84 16.62
N GLN A 177 4.90 14.08 16.19
CA GLN A 177 5.00 15.24 17.07
C GLN A 177 3.64 15.94 17.14
N ASP A 178 3.23 16.58 16.04
CA ASP A 178 1.98 17.34 16.00
C ASP A 178 0.80 16.51 15.58
N ALA A 179 0.37 15.62 16.48
CA ALA A 179 -0.80 14.75 16.26
C ALA A 179 -2.06 15.53 15.95
N ALA A 180 -2.26 16.72 16.59
CA ALA A 180 -3.45 17.56 16.36
C ALA A 180 -3.53 18.10 14.91
N LEU A 181 -2.41 18.54 14.36
CA LEU A 181 -2.38 19.05 12.99
C LEU A 181 -2.57 17.90 12.01
N ILE A 182 -1.97 16.72 12.30
CA ILE A 182 -2.12 15.54 11.46
C ILE A 182 -3.60 15.16 11.44
N GLU A 183 -4.25 15.17 12.63
CA GLU A 183 -5.67 14.85 12.76
C GLU A 183 -6.56 15.86 11.99
N ALA A 184 -6.23 17.17 11.98
CA ALA A 184 -7.03 18.16 11.26
C ALA A 184 -6.93 17.93 9.74
N ILE A 185 -5.71 17.59 9.26
CA ILE A 185 -5.48 17.25 7.83
C ILE A 185 -6.27 15.97 7.50
N GLN A 186 -6.21 14.93 8.37
CA GLN A 186 -6.96 13.69 8.13
C GLN A 186 -8.46 13.92 8.17
N ASP A 187 -8.93 14.75 9.13
CA ASP A 187 -10.37 15.02 9.24
C ASP A 187 -10.91 15.68 7.99
N ARG A 188 -10.14 16.60 7.42
CA ARG A 188 -10.50 17.31 6.20
C ARG A 188 -10.65 16.31 5.04
N LEU A 189 -9.78 15.28 5.01
CA LEU A 189 -9.81 14.21 4.02
C LEU A 189 -10.97 13.27 4.30
N SER A 190 -11.15 12.86 5.58
CA SER A 190 -12.21 11.95 5.99
C SER A 190 -13.61 12.53 5.70
N ASN A 191 -13.81 13.85 5.95
CA ASN A 191 -15.10 14.52 5.69
C ASN A 191 -15.38 14.54 4.19
N THR A 192 -14.34 14.78 3.37
CA THR A 192 -14.41 14.77 1.90
C THR A 192 -14.94 13.42 1.46
N LEU A 193 -14.29 12.33 1.97
CA LEU A 193 -14.70 10.98 1.65
C LEU A 193 -16.14 10.66 2.05
N GLN A 194 -16.54 10.94 3.31
CA GLN A 194 -17.91 10.69 3.80
C GLN A 194 -18.94 11.41 2.91
N THR A 195 -18.68 12.70 2.65
CA THR A 195 -19.55 13.56 1.80
C THR A 195 -19.61 12.98 0.40
N TYR A 196 -18.43 12.60 -0.16
CA TYR A 196 -18.38 12.02 -1.50
C TYR A 196 -19.27 10.80 -1.61
N ILE A 197 -19.14 9.82 -0.67
CA ILE A 197 -19.92 8.57 -0.70
C ILE A 197 -21.45 8.83 -0.70
N ARG A 198 -21.93 9.66 0.21
CA ARG A 198 -23.35 9.98 0.35
C ARG A 198 -23.91 10.71 -0.88
N CYS A 199 -23.07 11.56 -1.48
CA CYS A 199 -23.38 12.42 -2.63
C CYS A 199 -23.20 11.75 -4.00
N ARG A 200 -22.18 10.86 -4.16
CA ARG A 200 -21.84 10.27 -5.47
C ARG A 200 -21.89 8.77 -5.64
N HIS A 201 -21.88 8.01 -4.54
CA HIS A 201 -21.86 6.56 -4.66
C HIS A 201 -23.26 5.98 -4.68
N PRO A 202 -23.70 5.39 -5.82
CA PRO A 202 -25.09 4.88 -5.88
C PRO A 202 -25.30 3.58 -5.12
N PRO A 203 -26.55 3.30 -4.68
CA PRO A 203 -26.82 2.04 -3.97
C PRO A 203 -26.81 0.84 -4.93
N PRO A 204 -26.67 -0.43 -4.46
CA PRO A 204 -26.48 -0.88 -3.06
C PRO A 204 -25.08 -0.65 -2.50
N LEU A 208 -23.18 1.75 4.07
CA LEU A 208 -22.21 1.40 5.09
C LEU A 208 -20.78 1.36 4.49
N LEU A 209 -20.61 1.97 3.30
CA LEU A 209 -19.32 1.97 2.60
C LEU A 209 -18.22 2.62 3.41
N TYR A 210 -18.49 3.82 4.03
CA TYR A 210 -17.47 4.50 4.82
C TYR A 210 -16.98 3.63 5.97
N ALA A 211 -17.92 3.00 6.70
CA ALA A 211 -17.61 2.05 7.79
C ALA A 211 -16.76 0.88 7.28
N LYS A 212 -17.07 0.36 6.08
CA LYS A 212 -16.32 -0.75 5.46
C LYS A 212 -14.89 -0.31 5.12
N MET A 213 -14.73 0.96 4.67
CA MET A 213 -13.42 1.50 4.30
C MET A 213 -12.57 1.73 5.57
N ILE A 214 -13.21 2.21 6.66
CA ILE A 214 -12.57 2.40 7.97
C ILE A 214 -12.08 1.07 8.47
N GLN A 215 -12.90 0.00 8.31
CA GLN A 215 -12.49 -1.34 8.75
C GLN A 215 -11.28 -1.82 7.92
N LYS A 216 -11.18 -1.44 6.65
CA LYS A 216 -10.01 -1.82 5.83
C LYS A 216 -8.72 -1.20 6.38
N LEU A 217 -8.81 0.05 6.87
CA LEU A 217 -7.68 0.75 7.52
C LEU A 217 -7.25 0.01 8.80
N ALA A 218 -8.22 -0.56 9.57
CA ALA A 218 -7.84 -1.30 10.77
C ALA A 218 -7.17 -2.63 10.37
N ASP A 219 -7.68 -3.28 9.30
CA ASP A 219 -7.12 -4.51 8.75
C ASP A 219 -5.68 -4.24 8.31
N LEU A 220 -5.41 -3.07 7.70
CA LEU A 220 -4.05 -2.68 7.29
C LEU A 220 -3.09 -2.62 8.48
N ARG A 221 -3.58 -2.10 9.64
CA ARG A 221 -2.76 -2.02 10.87
C ARG A 221 -2.29 -3.41 11.26
N SER A 222 -3.17 -4.44 11.23
CA SER A 222 -2.80 -5.81 11.59
C SER A 222 -1.82 -6.39 10.60
N LEU A 223 -2.04 -6.12 9.31
CA LEU A 223 -1.14 -6.63 8.27
C LEU A 223 0.23 -5.98 8.41
N ASN A 224 0.26 -4.68 8.75
CA ASN A 224 1.53 -3.94 8.95
C ASN A 224 2.34 -4.62 10.07
N GLU A 225 1.68 -4.89 11.20
CA GLU A 225 2.33 -5.54 12.36
C GLU A 225 2.88 -6.92 11.98
N GLU A 226 2.10 -7.72 11.25
CA GLU A 226 2.57 -9.03 10.85
C GLU A 226 3.75 -8.89 9.84
N HIS A 227 3.64 -7.93 8.89
CA HIS A 227 4.71 -7.70 7.90
C HIS A 227 6.02 -7.36 8.62
N SER A 228 5.94 -6.50 9.65
CA SER A 228 7.09 -6.06 10.44
C SER A 228 7.76 -7.25 11.12
N LYS A 229 6.97 -8.20 11.69
CA LYS A 229 7.48 -9.43 12.31
C LYS A 229 8.24 -10.24 11.27
N GLN A 230 7.63 -10.43 10.10
CA GLN A 230 8.24 -11.22 9.03
C GLN A 230 9.48 -10.60 8.45
N TYR A 231 9.51 -9.28 8.31
CA TYR A 231 10.67 -8.57 7.80
C TYR A 231 11.87 -8.82 8.74
N ARG A 232 11.61 -8.77 10.06
CA ARG A 232 12.62 -9.04 11.09
C ARG A 232 13.27 -10.40 10.85
N CYS A 233 12.47 -11.49 10.62
CA CYS A 233 12.97 -12.86 10.31
C CYS A 233 13.83 -12.82 9.06
N LEU A 234 13.32 -12.20 8.00
CA LEU A 234 14.01 -12.09 6.71
C LEU A 234 15.35 -11.37 6.90
N SER A 235 15.36 -10.33 7.72
CA SER A 235 16.58 -9.55 7.97
C SER A 235 17.68 -10.37 8.68
N PHE A 236 17.31 -11.51 9.33
CA PHE A 236 18.31 -12.38 9.97
C PHE A 236 19.01 -13.30 8.95
N GLN A 237 18.47 -13.40 7.74
CA GLN A 237 19.08 -14.32 6.78
C GLN A 237 20.40 -13.71 6.30
N PRO A 238 21.54 -14.43 6.45
CA PRO A 238 22.83 -13.87 5.99
C PRO A 238 22.75 -13.45 4.55
N GLU A 239 23.33 -12.26 4.26
CA GLU A 239 23.41 -11.65 2.93
C GLU A 239 22.04 -11.15 2.39
N CYS A 240 21.01 -11.07 3.24
CA CYS A 240 19.70 -10.61 2.80
C CYS A 240 19.75 -9.14 2.34
N SER A 241 20.61 -8.31 2.95
CA SER A 241 20.66 -6.87 2.61
C SER A 241 20.92 -6.57 1.12
N MET A 242 21.76 -7.40 0.45
CA MET A 242 22.12 -7.30 -0.98
C MET A 242 20.87 -7.49 -1.85
N LYS A 243 19.93 -8.33 -1.36
CA LYS A 243 18.70 -8.64 -2.08
C LYS A 243 17.66 -7.52 -1.90
N LEU A 244 17.91 -6.59 -0.95
CA LEU A 244 16.98 -5.49 -0.68
C LEU A 244 17.47 -4.22 -1.39
N THR A 245 17.09 -3.04 -0.91
CA THR A 245 17.50 -1.76 -1.45
C THR A 245 17.77 -0.83 -0.29
N PRO A 246 18.60 0.22 -0.44
CA PRO A 246 18.77 1.17 0.66
C PRO A 246 17.47 1.75 1.21
N LEU A 247 16.51 2.03 0.32
CA LEU A 247 15.22 2.58 0.75
C LEU A 247 14.44 1.55 1.54
N VAL A 248 14.44 0.29 1.09
CA VAL A 248 13.74 -0.74 1.81
C VAL A 248 14.38 -0.93 3.20
N LEU A 249 15.71 -0.95 3.23
CA LEU A 249 16.46 -1.11 4.49
C LEU A 249 16.15 -0.02 5.53
N GLU A 250 16.02 1.25 5.08
CA GLU A 250 15.71 2.38 5.96
C GLU A 250 14.25 2.32 6.42
N VAL A 251 13.32 2.10 5.46
CA VAL A 251 11.88 2.10 5.75
C VAL A 251 11.48 1.00 6.74
N PHE A 252 12.00 -0.21 6.54
CA PHE A 252 11.62 -1.36 7.33
C PHE A 252 12.60 -1.72 8.42
N GLY A 253 13.80 -1.16 8.34
CA GLY A 253 14.83 -1.37 9.36
C GLY A 253 14.53 -0.53 10.59
#